data_3IFX
#
_entry.id   3IFX
#
_cell.length_a   130.970
_cell.length_b   76.630
_cell.length_c   112.970
_cell.angle_alpha   90.00
_cell.angle_beta   125.83
_cell.angle_gamma   90.00
#
_symmetry.space_group_name_H-M   'C 1 2 1'
#
loop_
_entity.id
_entity.type
_entity.pdbx_description
1 polymer 'Voltage-gated potassium channel'
2 non-polymer 'POTASSIUM ION'
3 non-polymer 'S-[(1-oxyl-2,2,5,5-tetramethyl-2,5-dihydro-1H-pyrrol-3-yl)methyl] methanesulfonothioate'
4 non-polymer 'TETRABUTYLAMMONIUM ION'
5 water water
#
_entity_poly.entity_id   1
_entity_poly.type   'polypeptide(L)'
_entity_poly.pdbx_seq_one_letter_code
;MPPMLSGLLARLVKLLLGRHGSALHWRAAGAATVLLVIVLLAGSYLACLAERGAPGAQLITYPRALWWSVETATTVGYGD
LYPVTLWGRLVAVVVMVAGITSFGLVTAALATWFVGREQERRGHHHHHH
;
_entity_poly.pdbx_strand_id   A,B,C,D
#
loop_
_chem_comp.id
_chem_comp.type
_chem_comp.name
_chem_comp.formula
K non-polymer 'POTASSIUM ION' 'K 1'
MTN non-polymer 'S-[(1-oxyl-2,2,5,5-tetramethyl-2,5-dihydro-1H-pyrrol-3-yl)methyl] methanesulfonothioate' 'C10 H18 N O3 S2'
TBA non-polymer 'TETRABUTYLAMMONIUM ION' 'C16 H36 N 1'
#
# COMPACT_ATOMS: atom_id res chain seq x y z
N ALA A 23 -9.72 28.57 3.67
CA ALA A 23 -10.31 27.54 4.52
C ALA A 23 -9.21 26.75 5.24
N LEU A 24 -9.46 25.45 5.41
CA LEU A 24 -8.51 24.58 6.09
C LEU A 24 -8.34 23.26 5.34
N HIS A 25 -9.35 22.40 5.42
CA HIS A 25 -9.32 21.12 4.75
C HIS A 25 -8.68 21.22 3.38
N TRP A 26 -8.64 22.44 2.83
CA TRP A 26 -8.05 22.68 1.52
C TRP A 26 -6.66 23.28 1.66
N ARG A 27 -6.46 24.11 2.68
CA ARG A 27 -5.17 24.74 2.91
C ARG A 27 -4.27 23.88 3.78
N ALA A 28 -4.89 23.15 4.72
CA ALA A 28 -4.15 22.26 5.62
C ALA A 28 -3.52 21.11 4.85
N ALA A 29 -4.33 20.44 4.03
CA ALA A 29 -3.86 19.30 3.24
C ALA A 29 -2.74 19.72 2.30
N GLY A 30 -2.89 20.90 1.70
CA GLY A 30 -1.87 21.47 0.81
C GLY A 30 -0.58 21.81 1.52
N ALA A 31 -0.65 22.01 2.83
CA ALA A 31 0.52 22.37 3.63
C ALA A 31 1.20 21.18 4.32
N ALA A 32 0.46 20.10 4.53
CA ALA A 32 0.99 18.91 5.21
C ALA A 32 1.71 17.93 4.26
N THR A 33 1.57 18.17 2.96
CA THR A 33 2.37 17.50 1.93
C THR A 33 3.77 18.08 1.98
N VAL A 34 3.81 19.36 2.34
CA VAL A 34 5.06 20.09 2.47
C VAL A 34 5.72 19.70 3.78
N LEU A 35 4.98 18.98 4.63
CA LEU A 35 5.58 18.22 5.72
C LEU A 35 6.24 16.97 5.18
N LEU A 36 5.65 16.40 4.13
CA LEU A 36 6.10 15.13 3.56
C LEU A 36 7.52 15.21 2.99
N VAL A 37 7.84 16.33 2.35
CA VAL A 37 9.20 16.58 1.87
C VAL A 37 10.17 16.53 3.05
N ILE A 38 9.73 17.06 4.18
CA ILE A 38 10.52 17.09 5.40
C ILE A 38 10.79 15.66 5.89
N VAL A 39 9.75 14.83 5.90
CA VAL A 39 9.90 13.44 6.33
C VAL A 39 10.70 12.63 5.32
N LEU A 40 10.82 13.17 4.11
CA LEU A 40 11.56 12.49 3.05
C LEU A 40 13.03 12.91 3.04
N LEU A 41 13.26 14.22 2.98
CA LEU A 41 14.61 14.76 2.98
C LEU A 41 15.30 14.55 4.32
N ALA A 42 14.51 14.58 5.39
CA ALA A 42 15.05 14.39 6.73
C ALA A 42 15.58 12.97 6.85
N GLY A 43 14.67 11.99 6.80
CA GLY A 43 14.99 10.57 6.98
C GLY A 43 16.07 10.04 6.06
N SER A 44 16.11 10.57 4.83
CA SER A 44 17.18 10.27 3.89
C SER A 44 18.51 10.55 4.55
N TYR A 45 18.74 11.83 4.86
CA TYR A 45 19.99 12.29 5.45
C TYR A 45 20.07 11.93 6.92
N LEU A 46 19.18 11.04 7.35
CA LEU A 46 19.19 10.55 8.72
C LEU A 46 19.48 9.05 8.78
N ALA A 47 18.69 8.25 8.05
CA ALA A 47 18.96 6.82 7.97
C ALA A 47 20.36 6.56 7.45
N CYS A 48 20.94 7.46 6.78
CA CYS A 48 22.00 7.08 5.85
C CYS A 48 23.32 7.07 6.58
N LEU A 49 23.42 7.85 7.57
CA LEU A 49 24.43 8.03 8.66
C LEU A 49 24.17 7.10 9.85
N ALA A 50 23.13 6.28 9.73
CA ALA A 50 22.93 5.13 10.61
C ALA A 50 23.35 3.85 9.89
N GLU A 51 23.29 3.87 8.56
CA GLU A 51 23.63 2.70 7.73
C GLU A 51 24.93 2.91 6.92
N ARG A 52 25.68 3.96 7.27
CA ARG A 52 26.92 4.35 6.59
C ARG A 52 28.01 3.30 6.67
N GLY A 53 28.26 2.81 7.88
CA GLY A 53 29.28 1.80 8.10
C GLY A 53 28.69 0.49 8.60
N ALA A 54 28.54 -0.46 7.68
CA ALA A 54 27.99 -1.77 8.02
C ALA A 54 27.41 -2.47 6.78
N PRO A 55 27.13 -3.76 6.92
CA PRO A 55 26.58 -4.54 5.81
C PRO A 55 25.45 -3.79 5.10
N GLY A 56 25.07 -2.64 5.63
CA GLY A 56 24.00 -1.85 5.05
C GLY A 56 23.96 -1.97 3.55
N ALA A 57 22.76 -2.18 3.00
CA ALA A 57 22.58 -2.31 1.57
C ALA A 57 23.04 -1.05 0.84
N GLN A 58 22.55 -0.87 -0.39
CA GLN A 58 22.92 0.29 -1.19
C GLN A 58 22.35 1.57 -0.59
N LEU A 59 22.15 1.56 0.73
CA LEU A 59 21.62 2.72 1.44
C LEU A 59 22.74 3.66 1.88
N ILE A 60 23.93 3.09 2.06
CA ILE A 60 25.09 3.87 2.48
C ILE A 60 25.20 5.17 1.69
N THR A 61 24.33 5.33 0.70
CA THR A 61 24.33 6.53 -0.13
C THR A 61 23.14 7.44 0.20
N TYR A 62 23.37 8.75 0.12
CA TYR A 62 22.32 9.72 0.41
C TYR A 62 21.24 9.79 -0.68
N PRO A 63 21.63 9.88 -1.98
CA PRO A 63 20.67 9.87 -3.09
C PRO A 63 20.00 8.51 -3.22
N ARG A 64 20.73 7.46 -2.81
CA ARG A 64 20.18 6.13 -2.66
C ARG A 64 19.01 6.23 -1.70
N ALA A 65 19.30 6.58 -0.44
CA ALA A 65 18.28 6.75 0.60
C ALA A 65 17.09 7.61 0.14
N LEU A 66 17.39 8.77 -0.45
CA LEU A 66 16.37 9.70 -0.96
CA LEU A 66 16.39 9.72 -1.00
C LEU A 66 15.37 8.96 -1.82
N TRP A 67 15.89 8.02 -2.61
CA TRP A 67 15.08 7.20 -3.44
C TRP A 67 14.27 6.24 -2.59
N TRP A 68 14.93 5.58 -1.65
CA TRP A 68 14.24 4.66 -0.76
C TRP A 68 13.02 5.36 -0.19
N SER A 69 13.23 6.34 0.69
CA SER A 69 12.12 7.03 1.33
C SER A 69 11.00 7.38 0.35
N VAL A 70 11.35 7.79 -0.87
CA VAL A 70 10.35 8.11 -1.89
C VAL A 70 9.41 6.94 -2.12
N GLU A 71 9.98 5.81 -2.54
CA GLU A 71 9.23 4.58 -2.68
C GLU A 71 8.50 4.32 -1.38
N THR A 72 9.29 4.16 -0.31
CA THR A 72 8.72 3.91 1.02
C THR A 72 7.52 4.82 1.28
N ALA A 73 7.70 6.11 1.03
CA ALA A 73 6.63 7.08 1.25
C ALA A 73 5.31 6.59 0.66
N THR A 74 5.38 6.00 -0.53
CA THR A 74 4.19 5.49 -1.20
C THR A 74 3.85 4.08 -0.71
N THR A 75 4.54 3.64 0.33
CA THR A 75 4.31 2.31 0.90
C THR A 75 4.48 1.23 -0.16
N VAL A 76 5.38 1.46 -1.10
CA VAL A 76 5.63 0.50 -2.17
C VAL A 76 6.35 -0.74 -1.64
N GLY A 77 7.64 -0.60 -1.38
CA GLY A 77 8.44 -1.71 -0.86
C GLY A 77 9.00 -2.63 -1.91
N TYR A 78 9.65 -2.03 -2.92
CA TYR A 78 10.36 -2.77 -3.94
CA TYR A 78 10.37 -2.77 -3.94
C TYR A 78 11.17 -3.93 -3.34
N GLY A 79 12.07 -3.61 -2.42
CA GLY A 79 12.93 -4.61 -1.79
C GLY A 79 14.38 -4.42 -2.20
N ASP A 80 14.58 -3.73 -3.32
CA ASP A 80 15.92 -3.48 -3.84
C ASP A 80 16.87 -3.05 -2.73
N LEU A 81 16.36 -2.26 -1.79
CA LEU A 81 17.16 -1.77 -0.68
C LEU A 81 16.34 -1.67 0.60
N TYR A 82 17.02 -1.40 1.71
CA TYR A 82 16.34 -1.28 3.00
C TYR A 82 17.36 -1.14 4.14
N PRO A 83 17.02 -0.34 5.13
CA PRO A 83 17.90 -0.11 6.28
C PRO A 83 17.98 -1.34 7.18
N VAL A 84 19.19 -1.77 7.51
CA VAL A 84 19.39 -2.92 8.37
C VAL A 84 19.71 -2.50 9.80
N THR A 85 20.42 -1.38 9.93
CA THR A 85 20.80 -0.87 11.24
C THR A 85 19.57 -0.62 12.11
N LEU A 86 19.63 -1.08 13.36
CA LEU A 86 18.52 -0.91 14.29
C LEU A 86 17.88 0.48 14.22
N TRP A 87 18.74 1.49 14.08
CA TRP A 87 18.32 2.87 14.05
C TRP A 87 17.72 3.23 12.69
N GLY A 88 18.40 2.87 11.60
CA GLY A 88 17.88 3.04 10.24
C GLY A 88 16.51 2.42 10.11
N ARG A 89 16.38 1.21 10.64
CA ARG A 89 15.11 0.50 10.73
C ARG A 89 13.99 1.35 11.31
N LEU A 90 14.13 1.84 12.55
CA LEU A 90 13.14 2.73 13.17
C LEU A 90 12.77 3.92 12.29
N VAL A 91 13.79 4.66 11.86
CA VAL A 91 13.62 5.83 10.98
C VAL A 91 12.62 5.48 9.90
N ALA A 92 12.89 4.36 9.24
CA ALA A 92 12.01 3.86 8.20
C ALA A 92 10.58 4.02 8.67
N VAL A 93 10.23 3.23 9.68
CA VAL A 93 8.92 3.28 10.36
C VAL A 93 8.32 4.70 10.39
N VAL A 94 9.16 5.65 10.75
CA VAL A 94 8.82 7.07 10.74
C VAL A 94 8.53 7.59 9.33
N VAL A 95 9.44 7.34 8.39
CA VAL A 95 9.27 7.87 7.04
C VAL A 95 8.07 7.26 6.29
N MET A 96 7.67 6.04 6.66
CA MET A 96 6.49 5.46 6.03
C MET A 96 5.20 5.98 6.66
N VAL A 97 5.16 6.11 7.99
CA VAL A 97 3.97 6.72 8.63
C VAL A 97 3.73 8.10 8.04
N ALA A 98 4.83 8.81 7.83
CA ALA A 98 4.81 10.14 7.25
C ALA A 98 3.92 10.19 6.03
N GLY A 99 4.29 9.45 5.00
CA GLY A 99 3.53 9.36 3.78
C GLY A 99 2.31 8.45 3.78
N ILE A 100 1.75 8.14 4.94
CA ILE A 100 0.44 7.50 4.97
C ILE A 100 -0.50 8.39 5.72
N THR A 101 -0.06 8.77 6.91
CA THR A 101 -0.64 9.87 7.65
C THR A 101 -0.85 11.05 6.67
N SER A 102 0.21 11.45 5.95
CA SER A 102 0.17 12.54 4.98
C SER A 102 -0.83 12.31 3.86
N PHE A 103 -0.97 11.05 3.45
CA PHE A 103 -1.84 10.62 2.35
C PHE A 103 -3.32 10.51 2.74
N GLY A 104 -3.62 9.93 3.91
CA GLY A 104 -5.01 9.84 4.39
C GLY A 104 -5.71 11.19 4.48
N LEU A 105 -4.89 12.24 4.59
CA LEU A 105 -5.31 13.63 4.67
C LEU A 105 -5.93 14.09 3.36
N VAL A 106 -5.16 13.94 2.28
CA VAL A 106 -5.60 14.22 0.92
C VAL A 106 -6.95 13.55 0.68
N THR A 107 -7.01 12.26 1.03
CA THR A 107 -8.21 11.44 0.89
C THR A 107 -9.36 11.96 1.74
N ALA A 108 -9.02 12.59 2.86
CA ALA A 108 -10.00 13.24 3.75
C ALA A 108 -10.47 14.60 3.25
N ALA A 109 -9.58 15.39 2.65
CA ALA A 109 -9.93 16.65 2.00
C ALA A 109 -10.85 16.37 0.83
N LEU A 110 -10.53 15.27 0.14
CA LEU A 110 -11.29 14.74 -0.97
C LEU A 110 -12.74 14.42 -0.61
N ALA A 111 -12.95 13.74 0.51
CA ALA A 111 -14.31 13.42 0.96
C ALA A 111 -15.12 14.66 1.34
N THR A 112 -14.47 15.60 2.03
CA THR A 112 -15.12 16.84 2.50
C THR A 112 -15.46 17.77 1.36
N TRP A 113 -14.66 17.69 0.32
CA TRP A 113 -14.84 18.47 -0.87
C TRP A 113 -16.00 17.90 -1.69
N PHE A 114 -16.14 16.58 -1.69
CA PHE A 114 -17.20 15.92 -2.43
C PHE A 114 -18.56 16.18 -1.78
N VAL A 115 -18.56 16.39 -0.47
CA VAL A 115 -19.78 16.66 0.27
C VAL A 115 -20.12 18.15 0.26
N GLY A 116 -19.08 18.98 0.15
CA GLY A 116 -19.27 20.42 0.13
C GLY A 116 -20.28 20.86 -0.91
N ARG A 117 -20.31 20.16 -2.04
CA ARG A 117 -21.23 20.48 -3.12
C ARG A 117 -22.48 19.61 -3.05
N GLU A 118 -22.44 18.59 -2.19
CA GLU A 118 -23.57 17.68 -2.03
C GLU A 118 -24.71 18.34 -1.26
N GLN A 119 -24.41 19.48 -0.64
CA GLN A 119 -25.42 20.21 0.13
C GLN A 119 -26.75 20.25 -0.60
N ALA B 23 -24.63 14.02 -11.39
CA ALA B 23 -23.92 13.99 -10.12
C ALA B 23 -22.51 14.53 -10.27
N LEU B 24 -21.72 14.41 -9.21
CA LEU B 24 -20.35 14.89 -9.21
C LEU B 24 -19.41 13.89 -8.54
N HIS B 25 -19.67 13.60 -7.26
CA HIS B 25 -18.86 12.66 -6.52
C HIS B 25 -18.91 11.27 -7.13
N TRP B 26 -19.88 11.04 -8.00
CA TRP B 26 -20.05 9.75 -8.66
C TRP B 26 -19.48 9.78 -10.07
N ARG B 27 -19.60 10.93 -10.72
CA ARG B 27 -19.10 11.09 -12.09
C ARG B 27 -17.64 11.53 -12.08
N ALA B 28 -17.28 12.36 -11.10
CA ALA B 28 -15.91 12.85 -10.97
C ALA B 28 -14.93 11.71 -10.76
N ALA B 29 -15.33 10.73 -9.95
CA ALA B 29 -14.49 9.56 -9.67
C ALA B 29 -14.51 8.54 -10.82
N GLY B 30 -15.69 8.28 -11.36
CA GLY B 30 -15.80 7.54 -12.62
C GLY B 30 -14.76 8.07 -13.59
N ALA B 31 -14.69 9.41 -13.68
CA ALA B 31 -13.83 10.13 -14.62
C ALA B 31 -12.32 10.12 -14.33
N ALA B 32 -11.95 10.28 -13.05
CA ALA B 32 -10.54 10.24 -12.65
C ALA B 32 -9.88 8.86 -12.82
N THR B 33 -10.70 7.79 -12.79
CA THR B 33 -10.22 6.41 -13.04
C THR B 33 -9.79 6.26 -14.49
N VAL B 34 -10.65 6.72 -15.40
CA VAL B 34 -10.34 6.65 -16.83
C VAL B 34 -9.11 7.47 -17.16
N LEU B 35 -9.00 8.64 -16.52
CA LEU B 35 -7.85 9.51 -16.72
C LEU B 35 -6.59 8.87 -16.15
N LEU B 36 -6.74 8.15 -15.05
CA LEU B 36 -5.62 7.47 -14.42
C LEU B 36 -5.08 6.37 -15.33
N VAL B 37 -5.99 5.60 -15.90
CA VAL B 37 -5.61 4.53 -16.82
C VAL B 37 -4.73 5.05 -17.94
N ILE B 38 -5.09 6.24 -18.45
CA ILE B 38 -4.32 6.87 -19.51
C ILE B 38 -2.97 7.33 -18.99
N VAL B 39 -2.93 7.76 -17.74
CA VAL B 39 -1.69 8.21 -17.11
C VAL B 39 -0.63 7.11 -17.12
N LEU B 40 -0.95 5.98 -16.52
CA LEU B 40 -0.02 4.85 -16.45
C LEU B 40 0.69 4.65 -17.78
N LEU B 41 -0.07 4.68 -18.86
CA LEU B 41 0.48 4.50 -20.20
C LEU B 41 1.54 5.55 -20.50
N ALA B 42 1.23 6.81 -20.19
CA ALA B 42 2.15 7.91 -20.42
C ALA B 42 3.53 7.61 -19.82
N GLY B 43 3.57 7.50 -18.50
CA GLY B 43 4.82 7.21 -17.81
C GLY B 43 5.51 5.96 -18.34
N SER B 44 4.70 5.01 -18.80
CA SER B 44 5.25 3.73 -19.36
C SER B 44 6.20 3.83 -20.59
N TYR B 45 5.80 4.68 -21.53
CA TYR B 45 6.64 4.83 -22.70
C TYR B 45 7.51 6.04 -22.42
N LEU B 46 7.09 6.86 -21.46
CA LEU B 46 7.95 7.94 -20.98
C LEU B 46 9.05 7.32 -20.15
N ALA B 47 8.68 6.33 -19.33
CA ALA B 47 9.64 5.64 -18.46
C ALA B 47 10.72 4.91 -19.25
N CYS B 48 10.37 4.14 -20.22
CA CYS B 48 11.01 2.95 -20.78
C CYS B 48 12.11 3.41 -21.69
N LEU B 49 12.05 4.57 -22.28
CA LEU B 49 12.91 5.57 -23.01
C LEU B 49 13.93 6.26 -22.11
N ALA B 50 13.57 6.53 -20.87
CA ALA B 50 14.53 7.06 -19.89
C ALA B 50 15.46 5.93 -19.48
N GLU B 51 14.91 4.73 -19.33
CA GLU B 51 15.68 3.59 -18.85
C GLU B 51 15.75 2.46 -19.87
N ARG B 52 16.06 2.82 -21.12
CA ARG B 52 16.23 1.83 -22.17
C ARG B 52 17.57 2.07 -22.87
N GLY B 53 18.64 1.63 -22.22
CA GLY B 53 19.97 1.80 -22.77
C GLY B 53 21.02 1.99 -21.69
N ALA B 54 20.96 1.17 -20.65
CA ALA B 54 21.91 1.24 -19.55
C ALA B 54 21.74 0.07 -18.59
N PRO B 55 22.51 0.08 -17.50
CA PRO B 55 22.43 -0.98 -16.51
C PRO B 55 21.00 -1.23 -16.04
N GLY B 56 20.03 -0.61 -16.72
CA GLY B 56 18.64 -0.76 -16.38
C GLY B 56 18.20 -2.21 -16.37
N ALA B 57 17.24 -2.53 -15.50
CA ALA B 57 16.72 -3.88 -15.39
C ALA B 57 15.91 -4.27 -16.62
N GLN B 58 14.65 -4.61 -16.42
CA GLN B 58 13.77 -4.99 -17.52
C GLN B 58 12.82 -3.86 -17.89
N LEU B 59 13.33 -2.64 -17.83
CA LEU B 59 12.52 -1.46 -18.17
C LEU B 59 12.72 -1.06 -19.63
N ILE B 60 13.51 -1.84 -20.35
CA ILE B 60 13.78 -1.58 -21.76
C ILE B 60 12.57 -1.92 -22.62
N THR B 61 11.89 -3.01 -22.26
CA THR B 61 10.72 -3.45 -23.01
C THR B 61 9.49 -2.61 -22.66
N TYR B 62 8.77 -2.18 -23.69
CA TYR B 62 7.58 -1.36 -23.50
C TYR B 62 6.59 -2.13 -22.62
N PRO B 63 6.18 -3.34 -23.07
CA PRO B 63 5.12 -4.15 -22.43
C PRO B 63 5.42 -4.56 -21.00
N ARG B 64 6.70 -4.56 -20.66
CA ARG B 64 7.12 -4.83 -19.29
C ARG B 64 6.67 -3.65 -18.45
N ALA B 65 7.12 -2.45 -18.84
CA ALA B 65 6.81 -1.25 -18.07
C ALA B 65 5.33 -1.16 -17.69
N LEU B 66 4.46 -1.66 -18.57
CA LEU B 66 3.02 -1.70 -18.35
C LEU B 66 2.71 -2.40 -17.06
N TRP B 67 3.28 -3.59 -16.94
CA TRP B 67 3.16 -4.41 -15.77
C TRP B 67 3.95 -3.80 -14.62
N TRP B 68 4.93 -2.98 -14.92
CA TRP B 68 5.64 -2.25 -13.88
C TRP B 68 4.75 -1.17 -13.27
N SER B 69 4.34 -0.19 -14.08
CA SER B 69 3.47 0.87 -13.62
C SER B 69 2.30 0.34 -12.81
N VAL B 70 1.78 -0.81 -13.24
CA VAL B 70 0.49 -1.31 -12.77
C VAL B 70 0.56 -1.83 -11.33
N GLU B 71 1.62 -2.58 -11.03
CA GLU B 71 1.92 -2.98 -9.66
C GLU B 71 2.37 -1.77 -8.88
N THR B 72 2.99 -0.84 -9.62
CA THR B 72 3.59 0.38 -9.06
C THR B 72 2.55 1.40 -8.61
N ALA B 73 1.64 1.74 -9.52
CA ALA B 73 0.58 2.70 -9.21
C ALA B 73 -0.37 2.15 -8.16
N THR B 74 -0.31 0.84 -7.94
CA THR B 74 -1.18 0.18 -6.96
C THR B 74 -0.60 0.30 -5.56
N THR B 75 0.72 0.43 -5.47
CA THR B 75 1.40 0.55 -4.20
C THR B 75 1.89 -0.80 -3.70
N VAL B 76 2.00 -1.75 -4.61
CA VAL B 76 2.47 -3.10 -4.28
C VAL B 76 3.98 -3.12 -4.08
N GLY B 77 4.71 -3.07 -5.18
CA GLY B 77 6.17 -3.08 -5.13
C GLY B 77 6.78 -4.45 -4.90
N TYR B 78 6.46 -5.39 -5.78
CA TYR B 78 6.96 -6.75 -5.67
C TYR B 78 8.48 -6.76 -5.51
N GLY B 79 9.17 -6.11 -6.43
CA GLY B 79 10.63 -6.04 -6.39
C GLY B 79 11.26 -6.63 -7.64
N ASP B 80 10.48 -7.40 -8.40
CA ASP B 80 10.97 -8.02 -9.62
C ASP B 80 11.53 -6.98 -10.59
N LEU B 81 10.96 -5.78 -10.55
CA LEU B 81 11.83 -4.86 -11.36
C LEU B 81 11.80 -3.65 -10.75
N TYR B 82 12.63 -2.73 -11.23
CA TYR B 82 12.68 -1.37 -10.69
C TYR B 82 13.73 -0.53 -11.40
N PRO B 83 13.29 0.55 -12.03
CA PRO B 83 14.19 1.45 -12.75
C PRO B 83 15.18 2.14 -11.80
N VAL B 84 16.21 2.77 -12.35
CA VAL B 84 17.22 3.44 -11.54
C VAL B 84 17.77 4.70 -12.22
N THR B 85 17.34 4.96 -13.46
CA THR B 85 17.71 6.18 -14.16
C THR B 85 17.03 7.36 -13.48
N LEU B 86 17.81 8.36 -13.09
CA LEU B 86 17.25 9.45 -12.32
C LEU B 86 15.87 9.86 -12.84
N TRP B 87 15.73 9.87 -14.15
CA TRP B 87 14.54 10.37 -14.80
C TRP B 87 13.38 9.37 -14.79
N GLY B 88 13.65 8.13 -15.21
CA GLY B 88 12.66 7.05 -15.12
C GLY B 88 12.12 6.94 -13.70
N ARG B 89 13.02 7.18 -12.75
CA ARG B 89 12.71 7.24 -11.32
C ARG B 89 11.80 8.40 -10.93
N LEU B 90 12.22 9.62 -11.21
CA LEU B 90 11.42 10.79 -10.89
CA LEU B 90 11.42 10.79 -10.89
C LEU B 90 10.02 10.50 -11.41
N VAL B 91 9.96 10.00 -12.64
CA VAL B 91 8.67 9.63 -13.30
C VAL B 91 7.86 8.72 -12.41
N ALA B 92 8.52 7.70 -11.88
CA ALA B 92 7.83 6.71 -11.08
C ALA B 92 7.11 7.45 -9.97
N VAL B 93 7.85 8.21 -9.16
CA VAL B 93 7.26 8.98 -8.07
C VAL B 93 5.97 9.69 -8.47
N VAL B 94 5.93 10.10 -9.75
CA VAL B 94 4.75 10.70 -10.37
C VAL B 94 3.66 9.66 -10.52
N VAL B 95 4.08 8.44 -10.84
CA VAL B 95 3.17 7.36 -11.18
C VAL B 95 2.41 6.80 -9.97
N MET B 96 3.14 6.51 -8.89
CA MET B 96 2.52 6.10 -7.65
C MET B 96 1.44 7.13 -7.29
N VAL B 97 1.84 8.39 -7.18
CA VAL B 97 0.93 9.47 -6.78
C VAL B 97 -0.39 9.36 -7.52
N ALA B 98 -0.30 8.98 -8.79
CA ALA B 98 -1.47 8.80 -9.62
C ALA B 98 -2.39 7.74 -9.01
N GLY B 99 -1.87 6.54 -8.84
CA GLY B 99 -2.58 5.43 -8.21
C GLY B 99 -3.30 5.80 -6.91
N ILE B 100 -2.56 6.27 -5.92
CA ILE B 100 -3.14 6.63 -4.62
C ILE B 100 -4.22 7.72 -4.72
N THR B 101 -3.86 8.83 -5.36
CA THR B 101 -4.79 9.92 -5.65
C THR B 101 -6.04 9.37 -6.32
N SER B 102 -5.85 8.77 -7.50
CA SER B 102 -6.93 8.11 -8.23
C SER B 102 -7.83 7.30 -7.29
N PHE B 103 -7.23 6.62 -6.34
CA PHE B 103 -8.00 5.78 -5.44
C PHE B 103 -8.70 6.56 -4.36
N GLY B 104 -7.97 7.43 -3.67
CA GLY B 104 -8.54 8.32 -2.64
C GLY B 104 -9.85 8.97 -3.07
N LEU B 105 -9.99 9.18 -4.37
CA LEU B 105 -11.25 9.59 -4.96
C LEU B 105 -12.32 8.58 -4.64
N VAL B 106 -12.17 7.39 -5.23
CA VAL B 106 -13.13 6.30 -5.08
C VAL B 106 -13.56 6.07 -3.63
N THR B 107 -12.64 6.34 -2.70
CA THR B 107 -12.91 6.30 -1.28
C THR B 107 -13.87 7.41 -0.83
N ALA B 108 -13.58 8.65 -1.21
CA ALA B 108 -14.42 9.79 -0.86
C ALA B 108 -15.82 9.64 -1.44
N ALA B 109 -15.89 9.15 -2.67
CA ALA B 109 -17.18 8.95 -3.34
C ALA B 109 -17.99 7.85 -2.65
N LEU B 110 -17.31 6.78 -2.25
CA LEU B 110 -17.96 5.67 -1.57
C LEU B 110 -18.47 6.08 -0.20
N ALA B 111 -17.72 6.96 0.47
CA ALA B 111 -18.09 7.44 1.80
C ALA B 111 -19.31 8.35 1.72
N THR B 112 -19.31 9.24 0.72
CA THR B 112 -20.42 10.17 0.54
C THR B 112 -21.68 9.45 0.10
N TRP B 113 -21.53 8.52 -0.85
CA TRP B 113 -22.66 7.75 -1.36
C TRP B 113 -23.29 6.91 -0.25
N PHE B 114 -22.46 6.45 0.69
CA PHE B 114 -22.93 5.64 1.80
C PHE B 114 -23.50 6.51 2.92
N VAL B 115 -23.13 7.80 2.90
CA VAL B 115 -23.60 8.74 3.92
C VAL B 115 -24.91 9.40 3.49
N GLY B 116 -25.01 9.70 2.19
CA GLY B 116 -26.20 10.33 1.65
C GLY B 116 -27.43 9.46 1.78
N ARG B 117 -27.30 8.38 2.55
CA ARG B 117 -28.41 7.45 2.75
C ARG B 117 -28.99 7.58 4.15
N GLU B 118 -28.50 8.57 4.90
CA GLU B 118 -28.96 8.80 6.26
C GLU B 118 -30.33 9.46 6.28
N GLN B 119 -30.53 10.42 5.39
CA GLN B 119 -31.81 11.13 5.29
C GLN B 119 -32.80 10.63 6.33
N ALA C 23 -28.91 -1.59 7.66
CA ALA C 23 -28.20 -0.39 7.22
C ALA C 23 -27.54 -0.61 5.87
N LEU C 24 -26.63 0.28 5.50
CA LEU C 24 -25.92 0.19 4.23
C LEU C 24 -24.41 0.28 4.42
N HIS C 25 -23.91 1.50 4.52
CA HIS C 25 -22.48 1.72 4.71
C HIS C 25 -21.90 0.76 5.74
N TRP C 26 -22.77 0.09 6.48
CA TRP C 26 -22.35 -0.87 7.49
C TRP C 26 -22.60 -2.34 7.17
N ARG C 27 -23.44 -2.59 6.17
CA ARG C 27 -23.78 -3.96 5.78
C ARG C 27 -23.45 -4.24 4.31
N ALA C 28 -23.16 -3.17 3.56
CA ALA C 28 -22.62 -3.28 2.21
C ALA C 28 -21.12 -3.56 2.27
N ALA C 29 -20.47 -2.99 3.30
CA ALA C 29 -19.07 -3.31 3.62
C ALA C 29 -18.95 -4.71 4.21
N GLY C 30 -19.82 -5.03 5.18
CA GLY C 30 -19.90 -6.36 5.78
C GLY C 30 -20.23 -7.47 4.79
N ALA C 31 -20.76 -7.10 3.63
CA ALA C 31 -21.07 -8.05 2.56
C ALA C 31 -20.03 -8.07 1.44
N ALA C 32 -19.39 -6.93 1.19
CA ALA C 32 -18.41 -6.80 0.11
C ALA C 32 -17.05 -7.44 0.41
N THR C 33 -16.76 -7.68 1.69
CA THR C 33 -15.57 -8.45 2.08
C THR C 33 -15.76 -9.89 1.62
N VAL C 34 -17.01 -10.36 1.68
CA VAL C 34 -17.35 -11.70 1.21
C VAL C 34 -16.96 -11.82 -0.26
N LEU C 35 -17.30 -10.80 -1.05
CA LEU C 35 -16.93 -10.74 -2.46
C LEU C 35 -15.42 -10.77 -2.65
N LEU C 36 -14.71 -9.99 -1.83
CA LEU C 36 -13.25 -9.95 -1.89
C LEU C 36 -12.66 -11.32 -1.59
N VAL C 37 -13.22 -12.00 -0.59
CA VAL C 37 -12.80 -13.36 -0.23
C VAL C 37 -13.03 -14.29 -1.41
N ILE C 38 -14.16 -14.12 -2.09
CA ILE C 38 -14.48 -14.91 -3.27
C ILE C 38 -13.47 -14.69 -4.39
N VAL C 39 -13.06 -13.44 -4.60
CA VAL C 39 -12.12 -13.09 -5.67
C VAL C 39 -10.77 -13.77 -5.49
N LEU C 40 -10.28 -13.79 -4.25
CA LEU C 40 -9.06 -14.54 -3.92
C LEU C 40 -9.25 -15.94 -4.44
N LEU C 41 -10.21 -16.65 -3.86
CA LEU C 41 -10.51 -18.02 -4.27
C LEU C 41 -10.70 -18.12 -5.78
N ALA C 42 -11.03 -17.00 -6.39
CA ALA C 42 -11.24 -16.95 -7.84
C ALA C 42 -9.91 -16.90 -8.58
N GLY C 43 -9.21 -15.77 -8.47
CA GLY C 43 -7.93 -15.59 -9.12
C GLY C 43 -6.94 -16.69 -8.78
N SER C 44 -6.97 -17.15 -7.53
CA SER C 44 -6.08 -18.21 -7.08
C SER C 44 -6.10 -19.40 -8.03
N TYR C 45 -7.27 -20.05 -8.13
CA TYR C 45 -7.42 -21.21 -9.01
C TYR C 45 -7.59 -20.78 -10.46
N LEU C 46 -7.28 -19.52 -10.74
CA LEU C 46 -7.40 -18.99 -12.10
C LEU C 46 -6.04 -18.63 -12.67
N ALA C 47 -5.28 -17.83 -11.93
CA ALA C 47 -3.94 -17.41 -12.36
C ALA C 47 -3.00 -18.59 -12.59
N CYS C 48 -3.31 -19.66 -12.02
CA CYS C 48 -2.56 -20.82 -11.60
C CYS C 48 -2.49 -21.79 -12.75
N LEU C 49 -3.54 -21.93 -13.44
CA LEU C 49 -3.66 -22.59 -14.77
C LEU C 49 -3.17 -21.70 -15.90
N ALA C 50 -3.13 -20.40 -15.66
CA ALA C 50 -2.50 -19.48 -16.61
C ALA C 50 -0.98 -19.56 -16.49
N GLU C 51 -0.48 -19.89 -15.30
CA GLU C 51 0.96 -19.95 -15.01
C GLU C 51 1.42 -21.39 -14.79
N ARG C 52 0.54 -22.33 -15.08
CA ARG C 52 0.86 -23.75 -14.92
C ARG C 52 2.13 -24.13 -15.66
N GLY C 53 1.99 -24.45 -16.94
CA GLY C 53 3.13 -24.82 -17.76
C GLY C 53 3.81 -23.63 -18.39
N ALA C 54 5.10 -23.48 -18.12
CA ALA C 54 5.87 -22.36 -18.65
C ALA C 54 6.77 -21.75 -17.59
N PRO C 55 7.87 -21.15 -18.02
CA PRO C 55 8.82 -20.52 -17.09
C PRO C 55 8.13 -19.54 -16.16
N GLY C 56 7.36 -20.05 -15.21
CA GLY C 56 6.65 -19.22 -14.26
C GLY C 56 6.94 -19.60 -12.82
N ALA C 57 7.09 -18.60 -11.96
CA ALA C 57 7.37 -18.82 -10.55
C ALA C 57 6.45 -19.89 -9.97
N GLN C 58 6.60 -20.15 -8.68
CA GLN C 58 5.77 -21.15 -8.01
C GLN C 58 4.28 -20.90 -8.23
N LEU C 59 3.98 -20.01 -9.17
CA LEU C 59 2.60 -19.68 -9.49
C LEU C 59 1.89 -20.84 -10.17
N ILE C 60 2.44 -22.04 -10.00
CA ILE C 60 1.85 -23.24 -10.60
C ILE C 60 0.93 -23.95 -9.62
N THR C 61 1.35 -24.03 -8.36
CA THR C 61 0.57 -24.68 -7.32
C THR C 61 -0.70 -23.87 -7.04
N TYR C 62 -1.73 -24.56 -6.53
CA TYR C 62 -2.97 -23.91 -6.12
C TYR C 62 -2.80 -23.14 -4.80
N PRO C 63 -2.33 -23.82 -3.76
CA PRO C 63 -2.13 -23.19 -2.46
C PRO C 63 -1.04 -22.13 -2.49
N ARG C 64 -0.27 -22.11 -3.57
CA ARG C 64 0.81 -21.13 -3.73
C ARG C 64 0.26 -19.74 -4.02
N ALA C 65 -0.68 -19.67 -4.96
CA ALA C 65 -1.28 -18.40 -5.33
C ALA C 65 -2.09 -17.81 -4.19
N LEU C 66 -2.77 -18.67 -3.44
CA LEU C 66 -3.58 -18.24 -2.31
C LEU C 66 -2.81 -17.27 -1.42
N TRP C 67 -1.58 -17.64 -1.09
CA TRP C 67 -0.74 -16.80 -0.25
C TRP C 67 -0.39 -15.49 -0.94
N TRP C 68 -0.30 -15.53 -2.26
CA TRP C 68 0.00 -14.35 -3.05
C TRP C 68 -1.20 -13.40 -3.09
N SER C 69 -2.39 -13.98 -3.05
CA SER C 69 -3.62 -13.20 -3.05
C SER C 69 -3.71 -12.32 -1.80
N VAL C 70 -3.53 -12.95 -0.64
CA VAL C 70 -3.57 -12.22 0.62
C VAL C 70 -2.62 -11.03 0.60
N GLU C 71 -1.41 -11.27 0.11
CA GLU C 71 -0.41 -10.21 0.01
C GLU C 71 -0.72 -9.31 -1.18
N THR C 72 -1.32 -9.89 -2.22
CA THR C 72 -1.68 -9.13 -3.42
C THR C 72 -2.91 -8.26 -3.15
N ALA C 73 -3.97 -8.88 -2.64
CA ALA C 73 -5.19 -8.16 -2.31
C ALA C 73 -4.88 -6.92 -1.49
N THR C 74 -4.16 -7.12 -0.38
CA THR C 74 -3.77 -6.01 0.49
C THR C 74 -2.65 -5.20 -0.16
N THR C 75 -2.23 -5.62 -1.34
CA THR C 75 -1.18 -4.92 -2.08
C THR C 75 0.09 -4.80 -1.23
N VAL C 76 0.63 -5.93 -0.80
CA VAL C 76 1.86 -5.94 -0.02
C VAL C 76 3.08 -5.92 -0.93
N GLY C 77 3.17 -6.90 -1.82
CA GLY C 77 4.27 -6.98 -2.77
C GLY C 77 5.59 -7.47 -2.24
N TYR C 78 5.56 -8.57 -1.48
CA TYR C 78 6.77 -9.26 -1.07
CA TYR C 78 6.76 -9.30 -1.09
C TYR C 78 7.73 -9.41 -2.26
N GLY C 79 7.25 -9.99 -3.35
CA GLY C 79 8.05 -10.25 -4.53
C GLY C 79 8.43 -11.71 -4.61
N ASP C 80 8.17 -12.46 -3.54
CA ASP C 80 8.49 -13.88 -3.50
C ASP C 80 7.77 -14.64 -4.60
N LEU C 81 6.58 -14.17 -4.96
CA LEU C 81 5.79 -14.81 -6.00
C LEU C 81 5.07 -13.78 -6.87
N TYR C 82 4.93 -14.08 -8.15
CA TYR C 82 4.26 -13.18 -9.08
C TYR C 82 4.11 -13.83 -10.46
N PRO C 83 3.08 -13.41 -11.20
CA PRO C 83 2.83 -13.96 -12.53
C PRO C 83 3.64 -13.23 -13.61
N VAL C 84 3.92 -13.93 -14.71
CA VAL C 84 4.68 -13.34 -15.81
C VAL C 84 3.97 -13.53 -17.14
N THR C 85 2.94 -14.38 -17.14
CA THR C 85 2.19 -14.69 -18.36
C THR C 85 1.10 -13.65 -18.56
N LEU C 86 1.03 -13.06 -19.76
CA LEU C 86 0.09 -11.95 -19.99
C LEU C 86 -1.26 -12.19 -19.32
N TRP C 87 -1.75 -13.43 -19.38
CA TRP C 87 -2.98 -13.82 -18.68
C TRP C 87 -2.80 -13.82 -17.18
N GLY C 88 -1.78 -14.54 -16.71
CA GLY C 88 -1.46 -14.61 -15.28
C GLY C 88 -1.41 -13.24 -14.64
N ARG C 89 -0.89 -12.28 -15.38
CA ARG C 89 -0.78 -10.90 -14.96
C ARG C 89 -2.13 -10.20 -14.89
N LEU C 90 -2.98 -10.47 -15.89
CA LEU C 90 -4.30 -9.87 -15.97
C LEU C 90 -5.11 -10.14 -14.71
N VAL C 91 -5.12 -11.40 -14.27
CA VAL C 91 -5.84 -11.81 -13.07
C VAL C 91 -5.35 -11.03 -11.85
N ALA C 92 -4.03 -10.82 -11.77
CA ALA C 92 -3.41 -10.07 -10.69
C ALA C 92 -4.05 -8.70 -10.56
N VAL C 93 -3.92 -7.90 -11.61
CA VAL C 93 -4.48 -6.54 -11.65
C VAL C 93 -5.96 -6.54 -11.25
N VAL C 94 -6.67 -7.57 -11.68
CA VAL C 94 -8.09 -7.74 -11.36
C VAL C 94 -8.30 -7.96 -9.88
N VAL C 95 -7.37 -8.69 -9.25
CA VAL C 95 -7.50 -8.98 -7.83
C VAL C 95 -7.13 -7.77 -6.99
N MET C 96 -6.04 -7.08 -7.34
CA MET C 96 -5.51 -5.99 -6.52
C MET C 96 -6.50 -4.85 -6.47
N VAL C 97 -7.10 -4.56 -7.63
CA VAL C 97 -8.18 -3.59 -7.71
C VAL C 97 -9.31 -4.00 -6.79
N ALA C 98 -9.48 -5.31 -6.58
CA ALA C 98 -10.43 -5.83 -5.62
C ALA C 98 -9.97 -5.57 -4.19
N GLY C 99 -8.69 -5.82 -3.91
CA GLY C 99 -8.09 -5.50 -2.62
C GLY C 99 -8.41 -4.07 -2.22
N ILE C 100 -7.69 -3.13 -2.83
CA ILE C 100 -7.85 -1.67 -2.68
C ILE C 100 -9.29 -1.14 -2.63
N THR C 101 -10.16 -1.82 -3.38
CA THR C 101 -11.58 -1.56 -3.47
C THR C 101 -12.32 -2.06 -2.23
N SER C 102 -12.28 -3.37 -2.03
CA SER C 102 -12.94 -4.00 -0.89
C SER C 102 -12.61 -3.29 0.41
N PHE C 103 -11.45 -2.63 0.44
CA PHE C 103 -10.96 -1.95 1.65
C PHE C 103 -11.36 -0.46 1.78
N GLY C 104 -11.32 0.31 0.70
CA GLY C 104 -11.84 1.70 0.68
C GLY C 104 -13.29 1.82 1.17
N LEU C 105 -14.03 0.73 0.99
CA LEU C 105 -15.36 0.54 1.58
C LEU C 105 -15.31 0.62 3.09
N VAL C 106 -14.63 -0.35 3.69
CA VAL C 106 -14.52 -0.40 5.14
C VAL C 106 -13.93 0.90 5.69
N THR C 107 -13.21 1.66 4.87
CA THR C 107 -12.76 3.02 5.26
C THR C 107 -13.93 4.01 5.25
N ALA C 108 -14.87 3.79 4.33
CA ALA C 108 -16.03 4.67 4.11
C ALA C 108 -17.23 4.26 4.97
N ALA C 109 -17.27 3.00 5.37
CA ALA C 109 -18.15 2.52 6.43
C ALA C 109 -17.77 3.24 7.71
N LEU C 110 -16.46 3.26 7.96
CA LEU C 110 -15.84 3.91 9.12
C LEU C 110 -15.97 5.42 9.10
N ALA C 111 -15.89 6.01 7.91
CA ALA C 111 -16.01 7.46 7.75
C ALA C 111 -17.38 7.97 8.19
N THR C 112 -18.44 7.34 7.68
CA THR C 112 -19.83 7.76 7.97
C THR C 112 -20.30 7.39 9.37
N TRP C 113 -19.80 6.28 9.90
CA TRP C 113 -20.09 5.89 11.27
C TRP C 113 -19.51 6.92 12.26
N PHE C 114 -18.47 7.62 11.81
CA PHE C 114 -17.84 8.69 12.57
C PHE C 114 -18.61 9.99 12.45
N VAL C 115 -19.63 9.96 11.59
CA VAL C 115 -20.53 11.08 11.38
C VAL C 115 -21.87 10.82 12.07
N GLY C 116 -22.34 9.57 12.00
CA GLY C 116 -23.62 9.15 12.60
C GLY C 116 -23.75 9.40 14.10
N ARG C 117 -22.68 9.91 14.69
CA ARG C 117 -22.70 10.47 16.02
C ARG C 117 -22.18 11.90 15.95
N GLU C 118 -22.81 12.68 15.06
CA GLU C 118 -22.69 14.14 15.06
C GLU C 118 -23.91 14.76 15.70
N GLN C 119 -24.98 13.96 15.81
CA GLN C 119 -26.19 14.31 16.53
C GLN C 119 -25.89 14.89 17.91
N ALA D 23 -14.70 12.63 22.98
CA ALA D 23 -15.24 12.40 21.64
C ALA D 23 -15.23 10.93 21.29
N LEU D 24 -15.14 10.64 19.98
CA LEU D 24 -15.13 9.26 19.51
C LEU D 24 -14.31 9.14 18.23
N HIS D 25 -14.78 9.79 17.16
CA HIS D 25 -14.09 9.75 15.88
C HIS D 25 -12.68 10.31 15.99
N TRP D 26 -12.34 10.80 17.17
CA TRP D 26 -11.01 11.37 17.41
C TRP D 26 -10.27 10.61 18.50
N ARG D 27 -11.03 10.09 19.47
CA ARG D 27 -10.45 9.34 20.56
C ARG D 27 -10.54 7.84 20.32
N ALA D 28 -11.43 7.44 19.40
CA ALA D 28 -11.58 6.02 19.02
C ALA D 28 -10.47 5.60 18.07
N ALA D 29 -9.97 6.56 17.30
CA ALA D 29 -8.80 6.37 16.44
C ALA D 29 -7.50 6.51 17.23
N GLY D 30 -7.42 7.52 18.09
CA GLY D 30 -6.35 7.59 19.09
C GLY D 30 -6.13 6.23 19.72
N ALA D 31 -7.23 5.53 20.02
CA ALA D 31 -7.24 4.24 20.75
C ALA D 31 -6.94 2.99 19.93
N ALA D 32 -7.51 2.93 18.72
CA ALA D 32 -7.22 1.82 17.79
C ALA D 32 -5.74 1.78 17.37
N THR D 33 -5.07 2.94 17.35
CA THR D 33 -3.64 3.00 17.04
C THR D 33 -2.87 2.32 18.15
N VAL D 34 -3.14 2.78 19.37
CA VAL D 34 -2.55 2.24 20.58
C VAL D 34 -2.89 0.77 20.67
N LEU D 35 -4.08 0.43 20.17
CA LEU D 35 -4.52 -0.97 20.11
C LEU D 35 -3.59 -1.79 19.23
N LEU D 36 -3.50 -1.40 17.97
CA LEU D 36 -2.79 -2.18 16.93
C LEU D 36 -1.38 -2.60 17.31
N VAL D 37 -0.64 -1.65 17.88
CA VAL D 37 0.75 -1.86 18.32
C VAL D 37 0.90 -3.17 19.06
N ILE D 38 -0.01 -3.40 19.99
CA ILE D 38 -0.01 -4.66 20.70
C ILE D 38 -0.21 -5.78 19.70
N VAL D 39 -1.14 -5.59 18.77
CA VAL D 39 -1.43 -6.59 17.75
C VAL D 39 -0.14 -7.02 17.05
N LEU D 40 0.66 -6.05 16.64
CA LEU D 40 1.92 -6.32 15.97
C LEU D 40 2.79 -7.26 16.80
N LEU D 41 2.85 -6.99 18.10
CA LEU D 41 3.63 -7.82 19.02
C LEU D 41 3.08 -9.24 19.07
N ALA D 42 1.76 -9.36 19.03
CA ALA D 42 1.11 -10.65 19.06
C ALA D 42 1.58 -11.53 17.90
N GLY D 43 1.22 -11.15 16.67
CA GLY D 43 1.66 -11.86 15.49
C GLY D 43 3.12 -12.19 15.58
N SER D 44 3.91 -11.22 16.07
CA SER D 44 5.36 -11.35 16.19
C SER D 44 5.80 -12.63 16.90
N TYR D 45 5.34 -12.80 18.14
CA TYR D 45 5.67 -14.01 18.87
C TYR D 45 4.69 -15.14 18.57
N LEU D 46 3.73 -14.90 17.68
CA LEU D 46 2.93 -15.99 17.16
C LEU D 46 3.52 -16.48 15.83
N ALA D 47 4.07 -15.57 15.05
CA ALA D 47 4.66 -15.91 13.76
C ALA D 47 5.83 -16.89 13.93
N CYS D 48 6.47 -16.46 15.07
CA CYS D 48 7.88 -16.73 14.96
C CYS D 48 8.18 -18.02 15.68
N LEU D 49 7.53 -18.47 16.67
CA LEU D 49 7.25 -19.85 17.18
C LEU D 49 6.61 -20.78 16.14
N ALA D 50 5.90 -20.19 15.18
CA ALA D 50 5.38 -20.99 14.08
C ALA D 50 6.49 -21.30 13.07
N GLU D 51 7.39 -20.33 12.85
CA GLU D 51 8.42 -20.44 11.82
C GLU D 51 9.81 -20.78 12.34
N ARG D 52 9.97 -20.77 13.66
CA ARG D 52 11.29 -20.93 14.26
C ARG D 52 11.88 -22.34 14.31
N GLY D 53 11.33 -23.23 13.49
CA GLY D 53 11.79 -24.61 13.43
C GLY D 53 11.51 -25.27 12.10
N ALA D 54 12.20 -24.79 11.06
CA ALA D 54 12.02 -25.34 9.71
C ALA D 54 12.83 -24.54 8.69
N PRO D 55 12.61 -24.84 7.42
CA PRO D 55 13.31 -24.15 6.33
C PRO D 55 12.95 -22.67 6.28
N GLY D 56 12.32 -22.16 7.33
CA GLY D 56 11.93 -20.77 7.38
C GLY D 56 13.11 -19.84 7.28
N ALA D 57 12.83 -18.59 6.91
CA ALA D 57 13.87 -17.58 6.75
C ALA D 57 14.23 -16.95 8.10
N GLN D 58 14.73 -15.72 8.07
CA GLN D 58 15.11 -15.02 9.28
C GLN D 58 13.94 -14.96 10.27
N LEU D 59 12.80 -15.48 9.86
CA LEU D 59 11.61 -15.50 10.71
C LEU D 59 11.79 -16.43 11.89
N ILE D 60 13.01 -16.53 12.38
CA ILE D 60 13.32 -17.40 13.51
C ILE D 60 13.56 -16.57 14.78
N THR D 61 14.26 -15.46 14.63
CA THR D 61 14.57 -14.59 15.75
C THR D 61 13.40 -13.65 16.05
N TYR D 62 13.20 -13.35 17.33
CA TYR D 62 12.12 -12.47 17.75
C TYR D 62 12.30 -11.09 17.11
N PRO D 63 13.46 -10.43 17.32
CA PRO D 63 13.73 -9.02 16.96
C PRO D 63 13.66 -8.71 15.46
N ARG D 64 13.56 -9.77 14.67
CA ARG D 64 13.38 -9.66 13.24
C ARG D 64 11.90 -9.53 12.94
N ALA D 65 11.14 -10.56 13.34
CA ALA D 65 9.70 -10.62 13.11
C ALA D 65 9.06 -9.27 13.40
N LEU D 66 9.67 -8.54 14.34
CA LEU D 66 9.27 -7.20 14.74
C LEU D 66 9.24 -6.25 13.57
N TRP D 67 10.36 -6.22 12.88
CA TRP D 67 10.57 -5.43 11.70
C TRP D 67 9.83 -6.08 10.56
N TRP D 68 9.54 -7.37 10.72
CA TRP D 68 8.72 -8.05 9.77
C TRP D 68 7.28 -7.59 9.92
N SER D 69 6.70 -7.82 11.09
CA SER D 69 5.32 -7.41 11.35
C SER D 69 5.11 -5.93 11.05
N VAL D 70 6.15 -5.14 11.28
CA VAL D 70 6.09 -3.70 11.03
C VAL D 70 5.97 -3.40 9.54
N GLU D 71 6.92 -3.91 8.76
CA GLU D 71 6.93 -3.70 7.32
C GLU D 71 5.72 -4.35 6.67
N THR D 72 5.20 -5.40 7.31
CA THR D 72 4.04 -6.12 6.80
C THR D 72 2.76 -5.32 7.02
N ALA D 73 2.59 -4.81 8.24
CA ALA D 73 1.41 -4.03 8.58
C ALA D 73 1.26 -2.83 7.64
N THR D 74 2.32 -2.03 7.54
CA THR D 74 2.31 -0.85 6.68
C THR D 74 2.00 -1.24 5.24
N THR D 75 2.05 -2.54 4.95
CA THR D 75 1.74 -3.04 3.62
C THR D 75 2.81 -2.71 2.59
N VAL D 76 4.05 -2.60 3.04
CA VAL D 76 5.16 -2.31 2.15
C VAL D 76 5.61 -3.58 1.43
N GLY D 77 6.08 -4.55 2.21
CA GLY D 77 6.49 -5.85 1.67
C GLY D 77 7.74 -5.81 0.83
N TYR D 78 8.84 -5.37 1.45
CA TYR D 78 10.16 -5.45 0.83
CA TYR D 78 10.16 -5.45 0.84
C TYR D 78 10.33 -6.82 0.20
N GLY D 79 10.10 -7.85 1.00
CA GLY D 79 10.39 -9.21 0.61
C GLY D 79 11.57 -9.73 1.38
N ASP D 80 12.41 -8.83 1.91
CA ASP D 80 13.62 -9.21 2.66
C ASP D 80 13.39 -10.37 3.62
N LEU D 81 12.24 -10.38 4.28
CA LEU D 81 11.81 -11.49 5.13
C LEU D 81 10.36 -11.76 4.77
N TYR D 82 9.94 -13.00 4.98
CA TYR D 82 8.56 -13.40 4.69
C TYR D 82 8.29 -14.82 5.17
N PRO D 83 7.52 -14.94 6.24
CA PRO D 83 7.17 -16.25 6.80
C PRO D 83 6.86 -17.27 5.72
N VAL D 84 7.05 -18.55 6.03
CA VAL D 84 6.79 -19.61 5.07
C VAL D 84 5.69 -20.55 5.58
N THR D 85 5.87 -21.04 6.80
CA THR D 85 4.90 -21.95 7.41
C THR D 85 3.47 -21.46 7.19
N LEU D 86 2.53 -22.39 7.09
CA LEU D 86 1.13 -22.06 6.87
C LEU D 86 0.56 -21.20 7.99
N TRP D 87 1.01 -21.50 9.21
CA TRP D 87 0.56 -20.81 10.42
C TRP D 87 1.12 -19.42 10.56
N GLY D 88 2.45 -19.33 10.49
CA GLY D 88 3.13 -18.04 10.43
C GLY D 88 2.45 -17.17 9.38
N ARG D 89 1.93 -17.84 8.35
CA ARG D 89 1.23 -17.22 7.24
C ARG D 89 -0.19 -16.64 7.55
N LEU D 90 -1.07 -17.41 8.18
CA LEU D 90 -2.36 -16.89 8.69
C LEU D 90 -2.12 -15.67 9.46
N VAL D 91 -1.28 -15.84 10.47
CA VAL D 91 -0.95 -14.78 11.38
C VAL D 91 -0.68 -13.52 10.59
N ALA D 92 0.12 -13.65 9.53
CA ALA D 92 0.47 -12.50 8.72
C ALA D 92 -0.81 -11.89 8.19
N VAL D 93 -1.52 -12.68 7.39
CA VAL D 93 -2.84 -12.35 6.90
C VAL D 93 -3.65 -11.55 7.92
N VAL D 94 -3.52 -11.92 9.18
CA VAL D 94 -4.13 -11.23 10.30
C VAL D 94 -3.42 -9.89 10.57
N VAL D 95 -2.09 -9.94 10.47
CA VAL D 95 -1.23 -8.84 10.86
C VAL D 95 -1.27 -7.71 9.83
N MET D 96 -1.48 -8.07 8.57
CA MET D 96 -1.73 -7.07 7.56
C MET D 96 -3.04 -6.38 7.88
N VAL D 97 -4.14 -7.13 7.88
CA VAL D 97 -5.48 -6.54 8.07
C VAL D 97 -5.48 -5.52 9.21
N ALA D 98 -4.72 -5.82 10.25
CA ALA D 98 -4.57 -4.95 11.40
C ALA D 98 -4.14 -3.55 10.93
N GLY D 99 -2.98 -3.49 10.28
CA GLY D 99 -2.39 -2.24 9.78
C GLY D 99 -3.27 -1.45 8.84
N ILE D 100 -4.03 -2.14 7.98
CA ILE D 100 -4.98 -1.48 7.08
C ILE D 100 -6.22 -0.89 7.80
N THR D 101 -6.92 -1.72 8.57
CA THR D 101 -8.08 -1.31 9.36
C THR D 101 -7.73 -0.17 10.32
N SER D 102 -6.71 -0.40 11.15
CA SER D 102 -6.11 0.61 12.04
C SER D 102 -5.85 1.90 11.31
N PHE D 103 -5.38 1.79 10.07
CA PHE D 103 -5.11 2.99 9.31
C PHE D 103 -6.40 3.61 8.77
N GLY D 104 -7.28 2.81 8.16
CA GLY D 104 -8.58 3.28 7.63
C GLY D 104 -9.42 4.09 8.61
N LEU D 105 -9.23 3.80 9.89
CA LEU D 105 -9.78 4.60 10.96
C LEU D 105 -9.23 6.00 10.87
N VAL D 106 -7.93 6.15 11.12
CA VAL D 106 -7.30 7.47 11.13
C VAL D 106 -7.75 8.29 9.92
N THR D 107 -7.92 7.64 8.78
CA THR D 107 -8.46 8.28 7.58
C THR D 107 -9.89 8.80 7.81
N ALA D 108 -10.76 7.96 8.36
CA ALA D 108 -12.16 8.33 8.66
C ALA D 108 -12.24 9.43 9.71
N ALA D 109 -11.33 9.37 10.68
CA ALA D 109 -11.18 10.37 11.73
C ALA D 109 -10.85 11.71 11.12
N LEU D 110 -9.82 11.73 10.30
CA LEU D 110 -9.45 12.89 9.51
C LEU D 110 -10.64 13.40 8.72
N ALA D 111 -11.28 12.46 8.01
CA ALA D 111 -12.42 12.76 7.16
C ALA D 111 -13.47 13.60 7.88
N THR D 112 -14.03 13.10 8.96
CA THR D 112 -15.12 13.79 9.67
C THR D 112 -14.65 15.11 10.29
N TRP D 113 -13.44 15.11 10.83
CA TRP D 113 -12.89 16.32 11.40
C TRP D 113 -12.79 17.47 10.38
N PHE D 114 -12.80 17.12 9.09
CA PHE D 114 -12.90 18.11 8.03
C PHE D 114 -14.34 18.46 7.80
N VAL D 115 -15.17 17.45 7.92
CA VAL D 115 -16.59 17.67 7.89
C VAL D 115 -17.00 18.63 9.02
N GLY D 116 -16.54 18.39 10.24
CA GLY D 116 -16.86 19.23 11.40
C GLY D 116 -16.34 20.66 11.32
N ARG D 117 -16.04 21.08 10.11
CA ARG D 117 -15.74 22.48 9.79
C ARG D 117 -16.51 22.93 8.57
N GLU D 118 -17.76 22.54 8.56
CA GLU D 118 -18.63 22.89 7.50
C GLU D 118 -19.66 23.94 7.89
N GLN D 119 -20.09 23.86 9.14
CA GLN D 119 -20.77 24.93 9.90
C GLN D 119 -20.47 26.38 9.51
K K E . 1.06 -1.03 -0.30
C3 MTN F . 26.68 10.76 5.13
C4 MTN F . 25.85 9.77 5.88
S1 MTN F . 24.15 9.99 5.46
K K G . 2.97 -2.27 -0.90
N1 TBA H . -2.77 1.89 0.47
C11 TBA H . -2.81 3.34 0.75
C12 TBA H . -1.67 3.98 -0.02
C21 TBA H . -2.49 1.68 -0.94
C22 TBA H . -3.78 1.86 -1.74
C31 TBA H . -4.07 1.30 0.83
C32 TBA H . -3.92 -0.21 0.90
C41 TBA H . -1.71 1.28 1.27
C42 TBA H . -2.15 1.20 2.72
C13 TBA H . -0.81 4.86 0.88
C14 TBA H . 0.41 5.27 0.16
C23 TBA H . -3.49 1.57 -3.21
C24 TBA H . -3.89 2.82 -4.05
C33 TBA H . -4.98 -0.89 0.04
C34 TBA H . -5.47 -2.16 0.66
C43 TBA H . -1.22 2.02 3.61
C44 TBA H . -1.85 2.24 4.98
O1 MTN I . 8.25 -0.72 -28.52
N1 MTN I . 9.08 0.11 -28.20
C1 MTN I . 9.87 0.89 -29.13
C2 MTN I . 10.75 1.71 -28.21
C3 MTN I . 10.42 1.45 -26.94
C4 MTN I . 10.96 2.22 -25.76
S1 MTN I . 9.76 2.11 -24.48
C5 MTN I . 9.38 0.37 -26.81
C6 MTN I . 8.18 0.95 -26.07
C7 MTN I . 9.86 -0.92 -26.14
C8 MTN I . 10.70 -0.05 -29.99
C9 MTN I . 8.96 1.79 -29.95
C3 MTN J . -4.41 -26.47 -11.64
C4 MTN J . -4.19 -25.21 -12.43
S1 MTN J . -4.77 -23.83 -11.51
O1 MTN K . 13.33 -15.26 21.68
N1 MTN K . 12.58 -16.14 21.27
C1 MTN K . 12.44 -17.43 21.93
C2 MTN K . 11.47 -18.16 21.06
C3 MTN K . 11.04 -17.36 20.09
C4 MTN K . 9.97 -17.79 19.11
S1 MTN K . 9.21 -16.39 18.36
C5 MTN K . 11.70 -16.01 20.10
C6 MTN K . 10.56 -15.01 20.30
C7 MTN K . 12.49 -15.91 18.81
C8 MTN K . 13.73 -18.22 22.08
C9 MTN K . 11.79 -17.29 23.30
#